data_8P8S
#
_entry.id   8P8S
#
_cell.length_a   51.090
_cell.length_b   59.900
_cell.length_c   59.880
_cell.angle_alpha   90.00
_cell.angle_beta   94.14
_cell.angle_gamma   90.00
#
_symmetry.space_group_name_H-M   'P 1 21 1'
#
loop_
_entity.id
_entity.type
_entity.pdbx_description
1 polymer 'Chitinase-like protein 4'
2 non-polymer 1,2-ETHANEDIOL
3 water water
#
_entity_poly.entity_id   1
_entity_poly.type   'polypeptide(L)'
_entity_poly.pdbx_seq_one_letter_code
;MGWSCIIFFLVATATGVHSAHHHHHHPGGPGSENLYFQGGSTGYQLMCYYTSWAKDRPTEGSFKPGNIDPCLCTHLIYAF
AGMKNNEITYLSEQDLRDYEALNGLKDRNTELKTLLAIGGWKFGPAPFSSMVSTPQNRQTFIKSVIRFLRQYNFDGLNLD
WQYPGSRGSPPKDKHLFSVLVQEMRKAFEEESTLNHIPRLLLTSTGAGFIDVIKSGYKIPELSQSLDYIQVMTYDLHDPK
NGYTGENSPLYKSPYDIGKSADLNVDSIITYWKDHGAASEKLIVGFPAYGHTFILSDPSKNGIGDPTVSAGPPGKYTNEQ
GLLAYFEICTFLNEGATEIFDATQEVPYAYLGNEWVGYDNVRSFKLKAQWLKDNNLGGAVVWPLDMDDFSGSFCHQGRFP
LTTTLKRDLNVHSASCKASYRGEL
;
_entity_poly.pdbx_strand_id   A
#
loop_
_chem_comp.id
_chem_comp.type
_chem_comp.name
_chem_comp.formula
EDO non-polymer 1,2-ETHANEDIOL 'C2 H6 O2'
#
# COMPACT_ATOMS: atom_id res chain seq x y z
N GLY A 43 -13.76 -15.15 -3.77
CA GLY A 43 -14.05 -13.77 -3.50
C GLY A 43 -12.91 -12.78 -3.75
N TYR A 44 -13.02 -11.59 -3.17
CA TYR A 44 -11.99 -10.53 -3.24
C TYR A 44 -11.34 -10.37 -1.89
N GLN A 45 -10.06 -10.00 -1.87
CA GLN A 45 -9.40 -9.64 -0.62
C GLN A 45 -9.48 -8.14 -0.42
N LEU A 46 -9.53 -7.74 0.85
CA LEU A 46 -9.51 -6.34 1.23
C LEU A 46 -8.46 -6.21 2.34
N MET A 47 -7.25 -5.85 1.95
CA MET A 47 -6.14 -5.74 2.89
C MET A 47 -6.06 -4.31 3.39
N CYS A 48 -5.61 -4.12 4.63
CA CYS A 48 -5.66 -2.81 5.25
C CYS A 48 -4.45 -2.57 6.08
N TYR A 49 -3.67 -1.53 5.76
CA TYR A 49 -2.48 -1.23 6.54
C TYR A 49 -2.79 -0.48 7.82
N TYR A 50 -2.10 -0.87 8.91
CA TYR A 50 -2.02 -0.06 10.12
C TYR A 50 -0.55 0.32 10.27
N THR A 51 -0.25 1.63 10.40
CA THR A 51 1.12 2.11 10.55
C THR A 51 1.38 2.39 12.02
N SER A 52 2.57 2.01 12.46
CA SER A 52 2.91 2.17 13.87
C SER A 52 2.81 3.62 14.35
N TRP A 53 3.08 4.56 13.48
CA TRP A 53 3.10 5.97 13.83
C TRP A 53 1.73 6.59 13.89
N ALA A 54 0.66 5.91 13.44
CA ALA A 54 -0.66 6.50 13.51
C ALA A 54 -1.10 6.83 14.93
N LYS A 55 -0.71 5.97 15.90
CA LYS A 55 -1.13 6.19 17.29
C LYS A 55 -0.45 7.41 17.86
N ASP A 56 0.67 7.85 17.31
CA ASP A 56 1.45 9.00 17.81
C ASP A 56 1.07 10.32 17.19
N ARG A 57 0.07 10.34 16.31
CA ARG A 57 -0.42 11.62 15.79
C ARG A 57 -1.15 12.33 16.93
N PRO A 58 -1.20 13.65 16.89
CA PRO A 58 -1.77 14.39 18.02
C PRO A 58 -3.27 14.28 18.12
N THR A 59 -3.72 14.40 19.38
CA THR A 59 -5.12 14.50 19.77
C THR A 59 -6.07 13.66 18.89
N GLU A 60 -6.99 14.30 18.16
CA GLU A 60 -8.01 13.56 17.42
C GLU A 60 -7.48 12.81 16.22
N GLY A 61 -6.23 13.01 15.86
CA GLY A 61 -5.62 12.25 14.79
C GLY A 61 -5.08 10.92 15.24
N SER A 62 -4.96 10.70 16.56
CA SER A 62 -4.39 9.45 17.02
C SER A 62 -5.31 8.27 16.76
N PHE A 63 -4.79 7.18 16.17
CA PHE A 63 -5.59 5.98 15.96
C PHE A 63 -4.78 4.79 16.38
N LYS A 64 -5.37 3.93 17.26
CA LYS A 64 -4.70 2.73 17.80
C LYS A 64 -5.22 1.49 17.10
N PRO A 65 -4.37 0.45 16.99
CA PRO A 65 -4.75 -0.72 16.19
C PRO A 65 -5.89 -1.53 16.77
N GLY A 66 -6.01 -1.52 18.08
CA GLY A 66 -7.09 -2.24 18.75
C GLY A 66 -8.46 -1.69 18.39
N ASN A 67 -8.53 -0.46 17.80
CA ASN A 67 -9.79 0.17 17.40
C ASN A 67 -10.13 -0.04 15.91
N ILE A 68 -9.38 -0.93 15.23
CA ILE A 68 -9.78 -1.31 13.87
C ILE A 68 -11.01 -2.24 14.01
N ASP A 69 -12.01 -2.03 13.17
CA ASP A 69 -13.17 -2.93 13.15
C ASP A 69 -12.68 -4.29 12.65
N PRO A 70 -12.84 -5.36 13.45
CA PRO A 70 -12.30 -6.67 13.05
C PRO A 70 -12.93 -7.26 11.79
N CYS A 71 -14.16 -6.83 11.47
CA CYS A 71 -14.91 -7.35 10.33
C CYS A 71 -14.78 -6.51 9.10
N LEU A 72 -13.98 -5.44 9.13
CA LEU A 72 -13.89 -4.54 7.97
C LEU A 72 -13.07 -5.12 6.81
N CYS A 73 -11.92 -5.70 7.14
CA CYS A 73 -10.93 -6.18 6.18
C CYS A 73 -10.79 -7.68 6.21
N THR A 74 -10.17 -8.25 5.18
CA THR A 74 -9.78 -9.66 5.20
C THR A 74 -8.37 -9.82 5.79
N HIS A 75 -7.50 -8.83 5.61
CA HIS A 75 -6.12 -8.87 6.08
C HIS A 75 -5.77 -7.55 6.67
N LEU A 76 -5.05 -7.55 7.81
CA LEU A 76 -4.46 -6.34 8.35
C LEU A 76 -2.95 -6.45 8.17
N ILE A 77 -2.28 -5.37 7.72
CA ILE A 77 -0.85 -5.38 7.48
C ILE A 77 -0.22 -4.38 8.40
N TYR A 78 0.71 -4.82 9.24
CA TYR A 78 1.39 -3.91 10.16
C TYR A 78 2.66 -3.37 9.54
N ALA A 79 2.76 -2.04 9.46
CA ALA A 79 3.94 -1.34 8.97
C ALA A 79 4.63 -0.66 10.14
N PHE A 80 5.90 -1.00 10.49
CA PHE A 80 6.75 -2.01 9.84
C PHE A 80 7.56 -2.75 10.89
N ALA A 81 8.05 -3.92 10.48
CA ALA A 81 9.17 -4.56 11.14
C ALA A 81 10.45 -3.96 10.51
N GLY A 82 11.56 -4.13 11.25
CA GLY A 82 12.88 -3.78 10.76
C GLY A 82 13.77 -5.02 10.64
N MET A 83 15.07 -4.78 10.53
CA MET A 83 16.02 -5.85 10.31
C MET A 83 17.26 -5.57 11.17
N LYS A 84 17.85 -6.65 11.69
CA LYS A 84 19.08 -6.53 12.47
C LYS A 84 19.90 -7.77 12.23
N ASN A 85 21.13 -7.62 11.74
CA ASN A 85 21.98 -8.78 11.44
C ASN A 85 21.28 -9.83 10.58
N ASN A 86 20.58 -9.34 9.55
CA ASN A 86 19.86 -10.18 8.58
C ASN A 86 18.69 -10.93 9.20
N GLU A 87 18.16 -10.47 10.33
CA GLU A 87 16.98 -11.08 10.93
C GLU A 87 15.88 -10.06 11.05
N ILE A 88 14.63 -10.47 10.84
CA ILE A 88 13.50 -9.55 11.06
C ILE A 88 13.42 -9.24 12.56
N THR A 89 12.99 -8.04 12.89
CA THR A 89 12.85 -7.68 14.29
C THR A 89 11.82 -6.58 14.45
N TYR A 90 11.42 -6.35 15.71
CA TYR A 90 10.61 -5.18 16.07
C TYR A 90 11.58 -4.05 16.40
N LEU A 91 11.07 -2.83 16.40
CA LEU A 91 11.91 -1.66 16.59
C LEU A 91 11.60 -0.94 17.90
N SER A 92 10.52 -1.27 18.60
CA SER A 92 10.17 -0.65 19.87
C SER A 92 9.31 -1.64 20.59
N GLU A 93 9.37 -1.60 21.92
CA GLU A 93 8.48 -2.42 22.74
C GLU A 93 7.03 -2.09 22.43
N GLN A 94 6.76 -0.82 22.07
CA GLN A 94 5.41 -0.43 21.76
C GLN A 94 4.92 -1.23 20.57
N ASP A 95 5.81 -1.63 19.63
CA ASP A 95 5.34 -2.42 18.50
C ASP A 95 4.70 -3.72 19.00
N LEU A 96 5.31 -4.33 20.06
CA LEU A 96 4.78 -5.60 20.56
C LEU A 96 3.39 -5.44 21.14
N ARG A 97 3.11 -4.29 21.76
CA ARG A 97 1.75 -4.02 22.26
C ARG A 97 0.80 -3.89 21.06
N ASP A 98 1.27 -3.23 19.97
CA ASP A 98 0.45 -3.16 18.76
C ASP A 98 0.18 -4.55 18.20
N TYR A 99 1.21 -5.43 18.16
CA TYR A 99 0.98 -6.78 17.61
C TYR A 99 -0.09 -7.48 18.43
N GLU A 100 -0.02 -7.36 19.77
CA GLU A 100 -1.04 -7.99 20.63
C GLU A 100 -2.43 -7.47 20.30
N ALA A 101 -2.57 -6.14 20.13
CA ALA A 101 -3.87 -5.56 19.83
C ALA A 101 -4.39 -5.98 18.47
N LEU A 102 -3.50 -5.94 17.47
CA LEU A 102 -3.87 -6.24 16.10
C LEU A 102 -4.31 -7.66 15.99
N ASN A 103 -3.50 -8.59 16.52
CA ASN A 103 -3.78 -10.02 16.43
C ASN A 103 -4.95 -10.45 17.32
N GLY A 104 -5.20 -9.67 18.39
CA GLY A 104 -6.35 -9.85 19.27
C GLY A 104 -7.69 -9.68 18.53
N LEU A 105 -7.70 -8.91 17.45
CA LEU A 105 -8.90 -8.74 16.62
C LEU A 105 -9.34 -10.06 15.98
N LYS A 106 -8.39 -11.02 15.83
CA LYS A 106 -8.71 -12.33 15.28
C LYS A 106 -9.60 -13.12 16.26
N ASP A 107 -9.69 -12.70 17.56
CA ASP A 107 -10.62 -13.35 18.47
C ASP A 107 -12.07 -12.95 18.16
N ARG A 108 -12.29 -11.83 17.41
CA ARG A 108 -13.62 -11.37 17.01
C ARG A 108 -13.99 -11.80 15.57
N ASN A 109 -13.00 -11.78 14.67
CA ASN A 109 -13.19 -12.27 13.32
C ASN A 109 -12.19 -13.39 13.15
N THR A 110 -12.63 -14.63 13.37
CA THR A 110 -11.66 -15.74 13.35
C THR A 110 -11.07 -16.01 11.99
N GLU A 111 -11.59 -15.44 10.93
CA GLU A 111 -10.98 -15.62 9.60
C GLU A 111 -10.04 -14.49 9.22
N LEU A 112 -9.98 -13.42 10.00
CA LEU A 112 -9.07 -12.30 9.73
C LEU A 112 -7.64 -12.82 9.73
N LYS A 113 -6.82 -12.31 8.79
CA LYS A 113 -5.40 -12.65 8.72
C LYS A 113 -4.57 -11.42 8.98
N THR A 114 -3.42 -11.61 9.62
CA THR A 114 -2.50 -10.49 9.80
C THR A 114 -1.19 -10.76 9.07
N LEU A 115 -0.63 -9.70 8.49
CA LEU A 115 0.68 -9.76 7.82
C LEU A 115 1.58 -8.74 8.45
N LEU A 116 2.86 -9.07 8.56
CA LEU A 116 3.86 -8.12 9.06
C LEU A 116 4.66 -7.62 7.84
N ALA A 117 4.70 -6.31 7.62
CA ALA A 117 5.45 -5.75 6.49
C ALA A 117 6.85 -5.39 6.94
N ILE A 118 7.81 -5.64 6.08
CA ILE A 118 9.20 -5.21 6.29
C ILE A 118 9.61 -4.38 5.10
N GLY A 119 10.20 -3.22 5.36
CA GLY A 119 10.74 -2.38 4.30
C GLY A 119 10.06 -1.02 4.23
N GLY A 120 9.64 -0.66 3.03
CA GLY A 120 9.04 0.64 2.78
C GLY A 120 10.06 1.62 2.20
N TRP A 121 9.57 2.78 1.78
CA TRP A 121 10.39 3.80 1.16
C TRP A 121 11.53 4.27 2.03
N LYS A 122 11.21 4.65 3.27
CA LYS A 122 12.25 5.21 4.13
C LYS A 122 13.35 4.22 4.42
N PHE A 123 13.00 2.94 4.58
CA PHE A 123 13.99 1.92 4.88
C PHE A 123 15.01 1.81 3.73
N GLY A 124 14.52 1.87 2.50
CA GLY A 124 15.40 1.83 1.34
C GLY A 124 15.89 0.43 1.01
N PRO A 125 16.76 0.37 0.02
CA PRO A 125 17.18 -0.95 -0.50
C PRO A 125 18.32 -1.63 0.22
N ALA A 126 19.18 -0.87 0.88
CA ALA A 126 20.47 -1.41 1.29
C ALA A 126 20.39 -2.62 2.24
N PRO A 127 19.47 -2.66 3.22
CA PRO A 127 19.42 -3.84 4.09
C PRO A 127 19.02 -5.09 3.32
N PHE A 128 18.14 -4.92 2.36
CA PHE A 128 17.73 -6.02 1.51
C PHE A 128 18.86 -6.49 0.62
N SER A 129 19.63 -5.57 0.03
N SER A 129 19.53 -5.57 -0.05
CA SER A 129 20.76 -5.99 -0.81
CA SER A 129 20.62 -5.92 -0.92
C SER A 129 21.72 -6.85 0.01
C SER A 129 21.67 -6.73 -0.16
N SER A 130 22.08 -6.40 1.20
N SER A 130 21.99 -6.37 1.09
CA SER A 130 22.98 -7.18 2.02
CA SER A 130 22.95 -7.13 1.90
C SER A 130 22.39 -8.54 2.38
C SER A 130 22.40 -8.50 2.32
N MET A 131 21.12 -8.56 2.73
CA MET A 131 20.50 -9.81 3.15
C MET A 131 20.40 -10.83 2.02
N VAL A 132 20.11 -10.39 0.78
CA VAL A 132 19.97 -11.36 -0.30
C VAL A 132 21.30 -11.77 -0.90
N SER A 133 22.38 -11.08 -0.57
CA SER A 133 23.65 -11.28 -1.24
C SER A 133 24.25 -12.66 -1.09
N THR A 134 23.96 -13.39 -0.05
CA THR A 134 24.51 -14.73 0.12
C THR A 134 23.42 -15.70 0.56
N PRO A 135 23.59 -17.00 0.24
CA PRO A 135 22.64 -17.99 0.75
C PRO A 135 22.56 -17.99 2.27
N GLN A 136 23.68 -17.82 2.95
CA GLN A 136 23.67 -17.80 4.40
C GLN A 136 22.80 -16.66 4.95
N ASN A 137 22.96 -15.45 4.39
CA ASN A 137 22.16 -14.35 4.90
C ASN A 137 20.67 -14.56 4.61
N ARG A 138 20.34 -15.13 3.46
CA ARG A 138 18.93 -15.41 3.17
C ARG A 138 18.37 -16.42 4.13
N GLN A 139 19.13 -17.49 4.44
N GLN A 139 19.16 -17.46 4.44
CA GLN A 139 18.62 -18.48 5.40
CA GLN A 139 18.71 -18.49 5.36
C GLN A 139 18.49 -17.89 6.78
C GLN A 139 18.50 -17.89 6.74
N THR A 140 19.44 -17.05 7.20
CA THR A 140 19.32 -16.37 8.49
C THR A 140 17.98 -15.59 8.53
N PHE A 141 17.71 -14.84 7.45
CA PHE A 141 16.48 -14.07 7.38
C PHE A 141 15.24 -14.94 7.37
N ILE A 142 15.20 -15.95 6.49
CA ILE A 142 14.03 -16.82 6.37
C ILE A 142 13.72 -17.52 7.69
N LYS A 143 14.73 -18.09 8.33
CA LYS A 143 14.50 -18.75 9.62
C LYS A 143 13.96 -17.75 10.65
N SER A 144 14.52 -16.54 10.65
CA SER A 144 14.03 -15.53 11.60
C SER A 144 12.59 -15.15 11.34
N VAL A 145 12.19 -15.10 10.09
CA VAL A 145 10.83 -14.75 9.75
C VAL A 145 9.87 -15.81 10.25
N ILE A 146 10.16 -17.08 10.00
CA ILE A 146 9.26 -18.14 10.48
C ILE A 146 9.12 -18.05 12.00
N ARG A 147 10.25 -17.91 12.69
CA ARG A 147 10.20 -17.83 14.16
C ARG A 147 9.39 -16.65 14.63
N PHE A 148 9.64 -15.48 14.03
CA PHE A 148 9.03 -14.22 14.48
C PHE A 148 7.54 -14.22 14.20
N LEU A 149 7.13 -14.62 12.99
CA LEU A 149 5.70 -14.61 12.68
C LEU A 149 4.94 -15.61 13.55
N ARG A 150 5.50 -16.79 13.77
CA ARG A 150 4.81 -17.78 14.62
C ARG A 150 4.78 -17.33 16.07
N GLN A 151 5.86 -16.76 16.60
CA GLN A 151 5.79 -16.39 18.03
C GLN A 151 4.88 -15.21 18.30
N TYR A 152 4.68 -14.33 17.30
CA TYR A 152 3.83 -13.16 17.46
C TYR A 152 2.49 -13.31 16.80
N ASN A 153 2.15 -14.51 16.37
CA ASN A 153 0.80 -14.85 15.87
C ASN A 153 0.42 -14.10 14.59
N PHE A 154 1.39 -13.87 13.69
CA PHE A 154 1.08 -13.29 12.38
C PHE A 154 0.82 -14.45 11.42
N ASP A 155 -0.03 -14.22 10.41
CA ASP A 155 -0.31 -15.21 9.37
C ASP A 155 0.57 -15.13 8.16
N GLY A 156 1.48 -14.15 8.08
CA GLY A 156 2.33 -14.07 6.91
C GLY A 156 3.18 -12.83 6.91
N LEU A 157 4.02 -12.74 5.86
CA LEU A 157 4.98 -11.67 5.68
C LEU A 157 4.66 -10.89 4.42
N ASN A 158 4.76 -9.55 4.49
CA ASN A 158 4.75 -8.71 3.31
C ASN A 158 6.19 -8.16 3.11
N LEU A 159 6.83 -8.52 2.00
CA LEU A 159 8.13 -7.93 1.64
C LEU A 159 7.84 -6.62 0.95
N ASP A 160 8.54 -5.56 1.34
CA ASP A 160 8.34 -4.25 0.75
C ASP A 160 9.67 -3.57 0.49
N TRP A 161 10.48 -4.21 -0.35
CA TRP A 161 11.77 -3.68 -0.75
C TRP A 161 11.56 -2.57 -1.77
N GLN A 162 11.98 -1.36 -1.42
CA GLN A 162 11.86 -0.20 -2.33
C GLN A 162 13.25 0.30 -2.69
N TYR A 163 13.89 -0.25 -3.73
CA TYR A 163 13.42 -1.29 -4.64
C TYR A 163 14.61 -2.13 -5.06
N PRO A 164 14.39 -3.39 -5.42
CA PRO A 164 15.50 -4.16 -6.04
C PRO A 164 15.86 -3.51 -7.37
N GLY A 165 17.13 -3.38 -7.65
CA GLY A 165 17.57 -2.88 -8.95
C GLY A 165 17.52 -1.38 -9.16
N SER A 166 17.14 -0.58 -8.16
CA SER A 166 17.21 0.88 -8.27
C SER A 166 17.48 1.45 -6.88
N ARG A 167 17.69 2.77 -6.82
CA ARG A 167 18.00 3.47 -5.58
C ARG A 167 19.32 3.01 -4.99
N GLY A 168 20.20 2.51 -5.84
CA GLY A 168 21.51 2.03 -5.41
C GLY A 168 21.67 0.53 -5.44
N SER A 169 20.52 -0.21 -5.38
CA SER A 169 20.53 -1.68 -5.45
C SER A 169 20.98 -2.08 -6.84
N PRO A 170 21.99 -2.96 -6.92
CA PRO A 170 22.55 -3.31 -8.24
C PRO A 170 21.63 -4.20 -9.06
N PRO A 171 21.92 -4.30 -10.38
CA PRO A 171 21.07 -5.13 -11.27
C PRO A 171 20.90 -6.57 -10.83
N LYS A 172 21.92 -7.18 -10.23
CA LYS A 172 21.81 -8.57 -9.77
C LYS A 172 20.68 -8.77 -8.77
N ASP A 173 20.25 -7.69 -8.08
CA ASP A 173 19.20 -7.84 -7.07
C ASP A 173 17.84 -8.18 -7.66
N LYS A 174 17.62 -7.93 -8.96
CA LYS A 174 16.39 -8.38 -9.60
C LYS A 174 16.33 -9.94 -9.52
N HIS A 175 17.45 -10.60 -9.88
CA HIS A 175 17.52 -12.05 -9.77
C HIS A 175 17.51 -12.50 -8.31
N LEU A 176 18.31 -11.86 -7.46
CA LEU A 176 18.41 -12.33 -6.07
C LEU A 176 17.12 -12.13 -5.29
N PHE A 177 16.33 -11.08 -5.62
CA PHE A 177 15.03 -10.93 -4.96
C PHE A 177 14.13 -12.11 -5.31
N SER A 178 14.13 -12.51 -6.59
N SER A 178 14.10 -12.51 -6.59
CA SER A 178 13.34 -13.65 -7.01
CA SER A 178 13.27 -13.65 -7.00
C SER A 178 13.78 -14.93 -6.29
C SER A 178 13.77 -14.94 -6.34
N VAL A 179 15.10 -15.11 -6.15
CA VAL A 179 15.62 -16.26 -5.42
C VAL A 179 15.15 -16.23 -3.96
N LEU A 180 15.25 -15.04 -3.31
CA LEU A 180 14.78 -14.93 -1.92
C LEU A 180 13.32 -15.35 -1.81
N VAL A 181 12.46 -14.84 -2.72
CA VAL A 181 11.04 -15.15 -2.65
C VAL A 181 10.78 -16.64 -2.87
N GLN A 182 11.49 -17.26 -3.81
CA GLN A 182 11.35 -18.70 -4.01
C GLN A 182 11.77 -19.49 -2.78
N GLU A 183 12.91 -19.11 -2.18
CA GLU A 183 13.40 -19.83 -1.01
C GLU A 183 12.46 -19.63 0.19
N MET A 184 11.90 -18.41 0.34
N MET A 184 11.90 -18.42 0.33
CA MET A 184 10.97 -18.10 1.44
CA MET A 184 11.00 -18.17 1.45
C MET A 184 9.69 -18.94 1.26
C MET A 184 9.71 -18.96 1.27
N ARG A 185 9.15 -18.96 0.03
CA ARG A 185 7.95 -19.76 -0.23
C ARG A 185 8.20 -21.25 0.10
N LYS A 186 9.35 -21.77 -0.35
CA LYS A 186 9.67 -23.18 -0.07
C LYS A 186 9.77 -23.44 1.43
N ALA A 187 10.48 -22.55 2.14
CA ALA A 187 10.59 -22.71 3.58
C ALA A 187 9.21 -22.66 4.27
N PHE A 188 8.32 -21.77 3.81
CA PHE A 188 6.98 -21.72 4.39
C PHE A 188 6.23 -23.04 4.11
N GLU A 189 6.35 -23.59 2.91
N GLU A 189 6.38 -23.61 2.91
CA GLU A 189 5.72 -24.87 2.59
CA GLU A 189 5.75 -24.90 2.57
C GLU A 189 6.26 -25.96 3.54
C GLU A 189 6.26 -25.99 3.50
N GLU A 190 7.58 -26.00 3.73
CA GLU A 190 8.20 -27.03 4.59
C GLU A 190 7.75 -26.88 6.03
N GLU A 191 7.59 -25.64 6.53
CA GLU A 191 7.20 -25.47 7.92
C GLU A 191 5.75 -25.87 8.13
N SER A 192 4.91 -25.60 7.14
CA SER A 192 3.50 -26.02 7.19
C SER A 192 3.38 -27.56 7.27
N THR A 193 4.17 -28.26 6.45
CA THR A 193 4.18 -29.74 6.44
C THR A 193 4.69 -30.27 7.77
N LEU A 194 5.79 -29.70 8.27
CA LEU A 194 6.40 -30.12 9.53
C LEU A 194 5.45 -30.00 10.72
N ASN A 195 4.75 -28.87 10.83
CA ASN A 195 3.90 -28.58 11.98
C ASN A 195 2.42 -28.85 11.78
N HIS A 196 2.01 -29.32 10.59
CA HIS A 196 0.62 -29.65 10.31
C HIS A 196 -0.31 -28.48 10.59
N ILE A 197 0.10 -27.27 10.14
CA ILE A 197 -0.72 -26.08 10.29
C ILE A 197 -0.73 -25.32 8.98
N PRO A 198 -1.74 -24.47 8.78
CA PRO A 198 -1.80 -23.71 7.51
C PRO A 198 -0.53 -22.92 7.25
N ARG A 199 -0.11 -22.93 6.01
CA ARG A 199 1.11 -22.24 5.59
C ARG A 199 1.04 -20.73 5.82
N LEU A 200 2.17 -20.14 6.23
CA LEU A 200 2.30 -18.69 6.27
C LEU A 200 2.13 -18.10 4.86
N LEU A 201 1.46 -16.97 4.77
CA LEU A 201 1.28 -16.24 3.52
C LEU A 201 2.53 -15.45 3.20
N LEU A 202 2.77 -15.27 1.91
CA LEU A 202 3.89 -14.47 1.46
C LEU A 202 3.40 -13.49 0.40
N THR A 203 3.52 -12.20 0.66
CA THR A 203 3.17 -11.18 -0.32
C THR A 203 4.35 -10.25 -0.52
N SER A 204 4.30 -9.49 -1.62
CA SER A 204 5.28 -8.45 -1.85
C SER A 204 4.60 -7.24 -2.42
N THR A 205 5.09 -6.03 -2.10
CA THR A 205 4.69 -4.89 -2.87
C THR A 205 5.28 -5.03 -4.29
N GLY A 206 4.67 -4.34 -5.24
CA GLY A 206 5.12 -4.22 -6.62
C GLY A 206 5.11 -2.78 -7.01
N ALA A 207 6.16 -2.30 -7.65
CA ALA A 207 6.24 -0.90 -8.04
C ALA A 207 5.14 -0.55 -9.04
N GLY A 208 4.83 0.76 -9.04
CA GLY A 208 3.83 1.33 -9.93
C GLY A 208 4.46 2.13 -11.06
N PHE A 209 5.80 2.25 -11.14
CA PHE A 209 6.51 3.01 -12.18
C PHE A 209 7.17 1.99 -13.09
N ILE A 210 6.88 2.12 -14.38
N ILE A 210 6.93 2.05 -14.42
CA ILE A 210 7.30 1.11 -15.34
CA ILE A 210 7.44 1.01 -15.33
C ILE A 210 8.80 0.87 -15.33
C ILE A 210 8.97 0.86 -15.29
N ASP A 211 9.61 1.94 -15.26
N ASP A 211 9.72 1.96 -15.27
CA ASP A 211 11.07 1.75 -15.25
CA ASP A 211 11.17 1.80 -15.24
C ASP A 211 11.53 0.96 -14.02
C ASP A 211 11.63 1.04 -13.98
N VAL A 212 10.91 1.21 -12.86
CA VAL A 212 11.26 0.49 -11.61
C VAL A 212 10.81 -0.98 -11.71
N ILE A 213 9.65 -1.23 -12.30
CA ILE A 213 9.21 -2.60 -12.48
C ILE A 213 10.22 -3.36 -13.33
N LYS A 214 10.63 -2.77 -14.45
CA LYS A 214 11.58 -3.44 -15.34
C LYS A 214 12.90 -3.75 -14.66
N SER A 215 13.45 -2.80 -13.90
N SER A 215 13.44 -2.80 -13.91
CA SER A 215 14.76 -3.07 -13.30
CA SER A 215 14.74 -3.00 -13.26
C SER A 215 14.71 -3.93 -12.05
C SER A 215 14.70 -3.91 -12.05
N GLY A 216 13.53 -4.11 -11.44
CA GLY A 216 13.46 -4.83 -10.19
C GLY A 216 12.77 -6.15 -10.11
N TYR A 217 11.82 -6.45 -11.03
CA TYR A 217 10.89 -7.54 -10.78
C TYR A 217 10.87 -8.56 -11.88
N LYS A 218 11.17 -9.80 -11.52
CA LYS A 218 11.02 -10.95 -12.45
C LYS A 218 9.55 -11.39 -12.33
N ILE A 219 8.66 -10.80 -13.11
CA ILE A 219 7.24 -10.91 -12.83
C ILE A 219 6.75 -12.36 -12.87
N PRO A 220 7.02 -13.14 -13.92
CA PRO A 220 6.46 -14.49 -13.93
C PRO A 220 6.94 -15.35 -12.75
N GLU A 221 8.26 -15.24 -12.41
CA GLU A 221 8.75 -16.03 -11.27
C GLU A 221 8.17 -15.56 -9.97
N LEU A 222 8.08 -14.26 -9.76
CA LEU A 222 7.48 -13.75 -8.51
C LEU A 222 6.03 -14.17 -8.39
N SER A 223 5.29 -14.07 -9.49
CA SER A 223 3.88 -14.49 -9.46
C SER A 223 3.74 -15.97 -9.16
N GLN A 224 4.69 -16.80 -9.58
CA GLN A 224 4.61 -18.23 -9.24
C GLN A 224 4.68 -18.42 -7.73
N SER A 225 5.60 -17.74 -7.05
CA SER A 225 5.90 -18.04 -5.66
C SER A 225 5.17 -17.22 -4.63
N LEU A 226 4.72 -16.00 -4.98
CA LEU A 226 3.98 -15.19 -4.02
C LEU A 226 2.52 -15.60 -3.96
N ASP A 227 1.90 -15.39 -2.80
CA ASP A 227 0.45 -15.49 -2.69
C ASP A 227 -0.24 -14.28 -3.34
N TYR A 228 0.32 -13.08 -3.12
CA TYR A 228 -0.21 -11.84 -3.66
C TYR A 228 0.89 -10.86 -3.98
N ILE A 229 0.62 -10.01 -4.98
CA ILE A 229 1.43 -8.84 -5.34
C ILE A 229 0.57 -7.61 -5.04
N GLN A 230 1.02 -6.78 -4.11
CA GLN A 230 0.31 -5.55 -3.76
C GLN A 230 0.88 -4.43 -4.59
N VAL A 231 0.16 -4.04 -5.63
CA VAL A 231 0.68 -3.09 -6.59
C VAL A 231 0.52 -1.67 -6.07
N MET A 232 1.61 -0.92 -6.01
N MET A 232 1.63 -0.93 -6.11
CA MET A 232 1.59 0.41 -5.41
CA MET A 232 1.75 0.40 -5.56
C MET A 232 1.15 1.47 -6.42
C MET A 232 1.18 1.43 -6.51
N THR A 233 -0.15 1.40 -6.72
CA THR A 233 -0.82 2.31 -7.64
C THR A 233 -1.20 3.60 -6.91
N TYR A 234 -0.21 4.38 -6.52
CA TYR A 234 -0.38 5.62 -5.80
C TYR A 234 0.96 6.36 -5.82
N ASP A 235 0.96 7.59 -5.35
CA ASP A 235 2.12 8.50 -5.45
C ASP A 235 2.51 8.69 -6.90
N LEU A 236 1.52 8.76 -7.79
CA LEU A 236 1.83 8.71 -9.21
C LEU A 236 2.26 10.05 -9.77
N HIS A 237 1.96 11.17 -9.07
CA HIS A 237 2.48 12.45 -9.55
C HIS A 237 3.13 13.13 -8.34
N ASP A 238 4.43 13.36 -8.49
CA ASP A 238 5.36 13.97 -7.56
C ASP A 238 5.47 15.46 -7.96
N PRO A 239 5.66 16.38 -6.99
CA PRO A 239 5.70 17.81 -7.32
C PRO A 239 6.93 18.29 -8.11
N LYS A 240 7.93 17.41 -8.34
CA LYS A 240 9.17 17.69 -9.10
C LYS A 240 8.86 18.20 -10.53
N ASN A 241 7.81 17.66 -11.15
CA ASN A 241 7.34 17.98 -12.51
C ASN A 241 6.83 19.44 -12.64
N GLY A 242 6.41 20.05 -11.52
CA GLY A 242 5.92 21.42 -11.52
C GLY A 242 4.52 21.59 -12.07
N TYR A 243 3.70 20.53 -11.99
CA TYR A 243 2.29 20.61 -12.38
C TYR A 243 1.44 19.81 -11.43
N THR A 244 0.20 20.24 -11.25
CA THR A 244 -0.71 19.44 -10.43
C THR A 244 -0.93 18.08 -11.11
N GLY A 245 -1.03 17.03 -10.32
CA GLY A 245 -1.32 15.71 -10.83
C GLY A 245 -1.99 14.89 -9.77
N GLU A 246 -2.75 13.89 -10.20
CA GLU A 246 -3.50 13.04 -9.28
C GLU A 246 -2.62 11.98 -8.63
N ASN A 247 -2.97 11.61 -7.43
CA ASN A 247 -2.23 10.60 -6.68
C ASN A 247 -2.42 9.21 -7.25
N SER A 248 -3.67 8.85 -7.56
CA SER A 248 -4.02 7.53 -8.02
C SER A 248 -5.18 7.59 -9.02
N PRO A 249 -4.97 8.24 -10.17
CA PRO A 249 -6.05 8.30 -11.14
C PRO A 249 -6.30 6.93 -11.74
N LEU A 250 -7.57 6.63 -12.05
CA LEU A 250 -7.87 5.35 -12.70
C LEU A 250 -7.39 5.33 -14.15
N TYR A 251 -7.56 6.46 -14.84
CA TYR A 251 -7.21 6.59 -16.26
C TYR A 251 -6.32 7.80 -16.45
N LYS A 252 -5.65 7.83 -17.60
CA LYS A 252 -4.80 8.97 -17.91
C LYS A 252 -5.57 10.26 -18.19
N SER A 253 -4.87 11.39 -18.01
CA SER A 253 -5.38 12.71 -18.35
C SER A 253 -4.99 12.98 -19.82
N PRO A 254 -5.68 13.89 -20.54
CA PRO A 254 -5.33 14.10 -21.95
C PRO A 254 -3.91 14.61 -22.19
N TYR A 255 -3.35 15.31 -21.19
CA TYR A 255 -2.00 15.86 -21.26
C TYR A 255 -0.92 14.90 -20.71
N ASP A 256 -1.29 13.65 -20.36
CA ASP A 256 -0.30 12.66 -19.93
C ASP A 256 0.31 12.02 -21.20
N ILE A 257 1.44 12.56 -21.61
CA ILE A 257 2.14 12.09 -22.81
C ILE A 257 3.37 11.29 -22.43
N GLY A 258 3.82 10.46 -23.36
CA GLY A 258 5.01 9.64 -23.17
C GLY A 258 4.94 8.77 -21.93
N LYS A 259 6.00 8.80 -21.10
CA LYS A 259 6.04 7.97 -19.91
C LYS A 259 4.92 8.30 -18.97
N SER A 260 4.42 9.56 -19.00
N SER A 260 4.44 9.55 -18.96
CA SER A 260 3.31 9.95 -18.13
CA SER A 260 3.33 9.85 -18.05
C SER A 260 2.03 9.22 -18.45
C SER A 260 2.02 9.18 -18.44
N ALA A 261 1.89 8.70 -19.69
CA ALA A 261 0.67 8.00 -20.08
C ALA A 261 0.44 6.72 -19.28
N ASP A 262 1.48 6.21 -18.58
CA ASP A 262 1.33 5.03 -17.76
C ASP A 262 1.06 5.32 -16.30
N LEU A 263 0.97 6.57 -15.91
CA LEU A 263 0.79 6.95 -14.51
C LEU A 263 -0.68 6.89 -14.09
N ASN A 264 -1.29 5.72 -14.21
CA ASN A 264 -2.70 5.55 -13.83
C ASN A 264 -2.91 4.09 -13.50
N VAL A 265 -3.94 3.82 -12.72
CA VAL A 265 -4.16 2.46 -12.25
C VAL A 265 -4.36 1.47 -13.39
N ASP A 266 -5.16 1.84 -14.37
CA ASP A 266 -5.46 0.93 -15.46
C ASP A 266 -4.20 0.52 -16.22
N SER A 267 -3.35 1.48 -16.56
CA SER A 267 -2.10 1.19 -17.28
C SER A 267 -1.16 0.36 -16.44
N ILE A 268 -1.03 0.64 -15.17
CA ILE A 268 -0.07 -0.09 -14.33
C ILE A 268 -0.48 -1.54 -14.18
N ILE A 269 -1.76 -1.77 -13.86
CA ILE A 269 -2.22 -3.14 -13.69
C ILE A 269 -2.12 -3.89 -15.04
N THR A 270 -2.48 -3.23 -16.13
CA THR A 270 -2.33 -3.86 -17.45
C THR A 270 -0.89 -4.25 -17.71
N TYR A 271 0.07 -3.41 -17.28
CA TYR A 271 1.48 -3.74 -17.47
C TYR A 271 1.84 -5.01 -16.71
N TRP A 272 1.46 -5.09 -15.43
CA TRP A 272 1.75 -6.29 -14.66
C TRP A 272 1.16 -7.55 -15.29
N LYS A 273 -0.11 -7.47 -15.73
CA LYS A 273 -0.74 -8.64 -16.38
C LYS A 273 -0.08 -8.95 -17.71
N ASP A 274 0.19 -7.94 -18.52
CA ASP A 274 0.83 -8.17 -19.83
C ASP A 274 2.19 -8.83 -19.69
N HIS A 275 2.87 -8.63 -18.57
CA HIS A 275 4.20 -9.17 -18.36
C HIS A 275 4.18 -10.40 -17.45
N GLY A 276 3.01 -11.03 -17.29
CA GLY A 276 2.88 -12.37 -16.72
C GLY A 276 2.40 -12.53 -15.31
N ALA A 277 1.87 -11.46 -14.68
CA ALA A 277 1.33 -11.62 -13.32
C ALA A 277 -0.06 -12.21 -13.36
N ALA A 278 -0.36 -13.07 -12.39
CA ALA A 278 -1.68 -13.66 -12.25
C ALA A 278 -2.66 -12.62 -11.76
N SER A 279 -3.76 -12.45 -12.51
CA SER A 279 -4.78 -11.45 -12.20
C SER A 279 -5.31 -11.61 -10.78
N GLU A 280 -5.60 -12.84 -10.38
CA GLU A 280 -6.15 -13.10 -9.08
C GLU A 280 -5.17 -12.91 -7.93
N LYS A 281 -3.86 -12.78 -8.25
CA LYS A 281 -2.86 -12.48 -7.22
C LYS A 281 -2.61 -10.98 -7.14
N LEU A 282 -3.12 -10.17 -8.06
CA LEU A 282 -2.87 -8.74 -7.99
C LEU A 282 -3.85 -8.07 -7.06
N ILE A 283 -3.29 -7.33 -6.08
CA ILE A 283 -4.04 -6.58 -5.11
C ILE A 283 -3.76 -5.10 -5.42
N VAL A 284 -4.81 -4.36 -5.79
CA VAL A 284 -4.65 -2.99 -6.23
C VAL A 284 -4.51 -2.04 -5.07
N GLY A 285 -3.53 -1.13 -5.11
CA GLY A 285 -3.37 -0.13 -4.07
C GLY A 285 -4.43 0.94 -4.13
N PHE A 286 -5.10 1.18 -3.00
CA PHE A 286 -6.15 2.19 -2.83
C PHE A 286 -5.66 3.15 -1.75
N PRO A 287 -5.19 4.33 -2.09
CA PRO A 287 -4.67 5.26 -1.08
C PRO A 287 -5.74 5.99 -0.32
N ALA A 288 -5.56 6.11 1.01
CA ALA A 288 -6.50 6.82 1.86
C ALA A 288 -5.96 8.20 2.21
N TYR A 289 -5.32 8.84 1.21
CA TYR A 289 -4.72 10.16 1.37
C TYR A 289 -4.62 10.78 -0.02
N GLY A 290 -4.23 12.05 -0.08
CA GLY A 290 -3.96 12.74 -1.31
C GLY A 290 -2.64 13.46 -1.23
N HIS A 291 -2.21 14.00 -2.36
CA HIS A 291 -1.03 14.86 -2.39
C HIS A 291 -1.40 16.30 -2.67
N THR A 292 -0.68 17.19 -2.03
CA THR A 292 -0.93 18.63 -2.11
C THR A 292 0.15 19.37 -2.87
N PHE A 293 -0.27 20.48 -3.45
CA PHE A 293 0.56 21.34 -4.28
C PHE A 293 0.21 22.77 -4.01
N ILE A 294 1.17 23.67 -4.25
CA ILE A 294 0.92 25.10 -4.26
C ILE A 294 0.80 25.54 -5.71
N LEU A 295 -0.33 26.15 -6.06
CA LEU A 295 -0.58 26.61 -7.42
C LEU A 295 0.25 27.89 -7.70
N SER A 296 0.84 27.95 -8.86
CA SER A 296 1.53 29.19 -9.30
C SER A 296 0.50 30.33 -9.47
N ASP A 297 -0.70 29.98 -9.95
CA ASP A 297 -1.77 30.96 -10.20
C ASP A 297 -3.03 30.37 -9.62
N PRO A 298 -3.63 30.96 -8.59
CA PRO A 298 -4.84 30.36 -8.00
C PRO A 298 -6.02 30.22 -8.97
N SER A 299 -6.00 30.96 -10.11
N SER A 299 -5.99 30.96 -10.10
CA SER A 299 -7.02 30.87 -11.16
CA SER A 299 -7.04 30.85 -11.12
C SER A 299 -6.75 29.77 -12.19
C SER A 299 -6.81 29.68 -12.08
N LYS A 300 -5.62 29.05 -12.05
CA LYS A 300 -5.28 27.92 -12.93
C LYS A 300 -5.17 26.76 -11.97
N ASN A 301 -6.35 26.13 -11.75
CA ASN A 301 -6.56 25.17 -10.65
C ASN A 301 -7.09 23.83 -11.09
N GLY A 302 -6.80 23.47 -12.33
CA GLY A 302 -7.15 22.14 -12.82
C GLY A 302 -6.02 21.17 -12.66
N ILE A 303 -6.20 19.96 -13.20
CA ILE A 303 -5.15 18.95 -13.29
C ILE A 303 -4.21 19.37 -14.40
N GLY A 304 -2.92 19.30 -14.18
CA GLY A 304 -1.93 19.68 -15.18
C GLY A 304 -1.58 21.16 -15.19
N ASP A 305 -2.00 21.93 -14.17
CA ASP A 305 -1.72 23.36 -14.07
C ASP A 305 -0.46 23.60 -13.25
N PRO A 306 0.23 24.74 -13.51
CA PRO A 306 1.56 24.94 -12.91
C PRO A 306 1.58 25.10 -11.41
N THR A 307 2.64 24.52 -10.80
CA THR A 307 2.81 24.57 -9.37
C THR A 307 4.15 25.14 -8.98
N VAL A 308 4.22 25.57 -7.72
CA VAL A 308 5.41 26.16 -7.10
C VAL A 308 6.18 25.14 -6.30
N SER A 309 5.47 24.28 -5.55
CA SER A 309 6.07 23.37 -4.60
C SER A 309 4.99 22.37 -4.15
N ALA A 310 5.38 21.43 -3.30
CA ALA A 310 4.43 20.62 -2.56
C ALA A 310 3.73 21.51 -1.53
N GLY A 311 2.55 21.10 -1.13
CA GLY A 311 1.79 21.79 -0.10
C GLY A 311 2.30 21.54 1.31
N PRO A 312 1.86 22.36 2.30
CA PRO A 312 2.42 22.24 3.65
C PRO A 312 1.89 21.05 4.44
N PRO A 313 2.65 20.59 5.45
CA PRO A 313 2.16 19.47 6.27
C PRO A 313 0.81 19.79 6.92
N GLY A 314 -0.03 18.77 7.02
CA GLY A 314 -1.32 18.83 7.71
C GLY A 314 -1.13 18.73 9.21
N LYS A 315 -2.14 19.22 9.93
CA LYS A 315 -2.11 19.30 11.38
C LYS A 315 -1.86 17.96 12.05
N TYR A 316 -2.46 16.89 11.54
CA TYR A 316 -2.38 15.58 12.18
C TYR A 316 -1.32 14.69 11.59
N THR A 317 -1.20 14.64 10.26
CA THR A 317 -0.24 13.72 9.64
C THR A 317 1.15 14.31 9.53
N ASN A 318 1.27 15.64 9.44
CA ASN A 318 2.59 16.27 9.47
C ASN A 318 3.58 15.71 8.43
N GLU A 319 3.13 15.60 7.19
CA GLU A 319 3.96 15.16 6.06
C GLU A 319 3.81 16.19 4.94
N GLN A 320 4.90 16.85 4.60
CA GLN A 320 4.90 17.77 3.49
C GLN A 320 4.29 17.10 2.24
N GLY A 321 3.42 17.81 1.53
CA GLY A 321 2.86 17.29 0.28
C GLY A 321 1.82 16.22 0.42
N LEU A 322 1.36 15.89 1.62
CA LEU A 322 0.35 14.85 1.81
C LEU A 322 -0.72 15.32 2.76
N LEU A 323 -1.96 14.86 2.57
CA LEU A 323 -3.03 15.00 3.56
C LEU A 323 -3.77 13.68 3.64
N ALA A 324 -4.09 13.24 4.86
CA ALA A 324 -4.96 12.07 5.00
C ALA A 324 -6.34 12.38 4.44
N TYR A 325 -7.10 11.37 4.04
CA TYR A 325 -8.48 11.62 3.66
C TYR A 325 -9.23 12.35 4.79
N PHE A 326 -8.99 11.99 6.06
CA PHE A 326 -9.74 12.64 7.13
C PHE A 326 -9.40 14.14 7.19
N GLU A 327 -8.13 14.51 6.89
CA GLU A 327 -7.73 15.94 6.84
C GLU A 327 -8.32 16.63 5.62
N ILE A 328 -8.45 15.91 4.51
CA ILE A 328 -9.07 16.50 3.33
C ILE A 328 -10.54 16.81 3.61
N CYS A 329 -11.23 15.98 4.40
CA CYS A 329 -12.60 16.32 4.78
C CYS A 329 -12.65 17.67 5.48
N THR A 330 -11.67 17.97 6.32
CA THR A 330 -11.63 19.29 6.96
C THR A 330 -11.43 20.39 5.92
N PHE A 331 -10.51 20.16 4.99
CA PHE A 331 -10.22 21.12 3.92
C PHE A 331 -11.51 21.45 3.12
N LEU A 332 -12.28 20.42 2.79
CA LEU A 332 -13.57 20.60 2.12
C LEU A 332 -14.54 21.34 3.03
N ASN A 333 -14.60 20.97 4.30
CA ASN A 333 -15.54 21.63 5.23
C ASN A 333 -15.22 23.10 5.41
N GLU A 334 -13.96 23.46 5.25
CA GLU A 334 -13.48 24.82 5.37
C GLU A 334 -13.54 25.59 4.05
N GLY A 335 -14.22 25.05 3.04
CA GLY A 335 -14.56 25.80 1.84
C GLY A 335 -13.80 25.52 0.60
N ALA A 336 -12.96 24.46 0.55
CA ALA A 336 -12.27 24.19 -0.69
C ALA A 336 -13.24 23.82 -1.83
N THR A 337 -12.98 24.31 -3.02
CA THR A 337 -13.80 23.94 -4.18
C THR A 337 -13.47 22.50 -4.52
N GLU A 338 -14.51 21.67 -4.67
CA GLU A 338 -14.37 20.23 -4.89
C GLU A 338 -14.78 19.91 -6.30
N ILE A 339 -13.93 19.21 -7.06
CA ILE A 339 -14.19 18.82 -8.44
C ILE A 339 -14.06 17.32 -8.56
N PHE A 340 -15.00 16.63 -9.21
CA PHE A 340 -14.81 15.20 -9.53
C PHE A 340 -14.39 15.14 -10.98
N ASP A 341 -13.15 14.77 -11.27
CA ASP A 341 -12.68 14.74 -12.65
C ASP A 341 -13.03 13.40 -13.25
N ALA A 342 -13.98 13.37 -14.17
CA ALA A 342 -14.39 12.11 -14.78
C ALA A 342 -13.34 11.52 -15.72
N THR A 343 -12.50 12.35 -16.30
CA THR A 343 -11.48 11.82 -17.22
C THR A 343 -10.57 10.88 -16.48
N GLN A 344 -10.18 11.22 -15.26
CA GLN A 344 -9.31 10.33 -14.48
C GLN A 344 -10.08 9.55 -13.43
N GLU A 345 -11.36 9.89 -13.20
CA GLU A 345 -12.27 9.30 -12.24
C GLU A 345 -11.80 9.45 -10.79
N VAL A 346 -11.27 10.63 -10.47
CA VAL A 346 -10.85 10.95 -9.12
C VAL A 346 -11.18 12.42 -8.85
N PRO A 347 -11.31 12.77 -7.55
CA PRO A 347 -11.56 14.16 -7.17
C PRO A 347 -10.27 14.96 -7.02
N TYR A 348 -10.45 16.27 -7.00
CA TYR A 348 -9.41 17.18 -6.52
C TYR A 348 -10.10 18.35 -5.87
N ALA A 349 -9.37 19.12 -5.06
CA ALA A 349 -9.99 20.25 -4.39
C ALA A 349 -8.97 21.34 -4.22
N TYR A 350 -9.44 22.60 -4.11
CA TYR A 350 -8.48 23.69 -3.97
C TYR A 350 -9.08 24.85 -3.21
N LEU A 351 -8.21 25.55 -2.48
CA LEU A 351 -8.63 26.70 -1.68
C LEU A 351 -7.44 27.66 -1.69
N GLY A 352 -7.65 28.87 -2.20
CA GLY A 352 -6.53 29.78 -2.37
C GLY A 352 -5.54 29.14 -3.32
N ASN A 353 -4.26 29.08 -2.93
CA ASN A 353 -3.24 28.47 -3.78
C ASN A 353 -2.91 27.04 -3.36
N GLU A 354 -3.75 26.40 -2.54
CA GLU A 354 -3.49 25.00 -2.16
C GLU A 354 -4.40 24.09 -2.95
N TRP A 355 -3.84 23.06 -3.57
CA TRP A 355 -4.57 22.12 -4.42
C TRP A 355 -4.26 20.70 -3.95
N VAL A 356 -5.26 19.82 -3.87
CA VAL A 356 -5.05 18.45 -3.45
C VAL A 356 -5.71 17.50 -4.43
N GLY A 357 -4.96 16.46 -4.82
CA GLY A 357 -5.47 15.39 -5.69
C GLY A 357 -5.58 14.14 -4.83
N TYR A 358 -6.75 13.52 -4.78
CA TYR A 358 -7.00 12.52 -3.77
C TYR A 358 -8.03 11.50 -4.22
N ASP A 359 -8.55 10.68 -3.27
CA ASP A 359 -9.58 9.69 -3.52
C ASP A 359 -10.72 9.86 -2.53
N ASN A 360 -11.93 9.61 -2.98
CA ASN A 360 -13.10 9.73 -2.13
C ASN A 360 -13.98 8.51 -2.29
N VAL A 361 -15.20 8.54 -1.70
CA VAL A 361 -16.07 7.37 -1.79
C VAL A 361 -16.38 7.05 -3.26
N ARG A 362 -16.70 8.06 -4.06
CA ARG A 362 -17.04 7.81 -5.45
C ARG A 362 -15.87 7.22 -6.22
N SER A 363 -14.66 7.75 -6.07
CA SER A 363 -13.55 7.18 -6.82
C SER A 363 -13.27 5.75 -6.36
N PHE A 364 -13.37 5.48 -5.05
CA PHE A 364 -13.22 4.11 -4.59
C PHE A 364 -14.29 3.20 -5.19
N LYS A 365 -15.54 3.67 -5.30
CA LYS A 365 -16.60 2.85 -5.90
C LYS A 365 -16.29 2.53 -7.37
N LEU A 366 -15.88 3.54 -8.13
CA LEU A 366 -15.60 3.29 -9.53
C LEU A 366 -14.41 2.36 -9.70
N LYS A 367 -13.37 2.52 -8.88
CA LYS A 367 -12.24 1.60 -8.96
C LYS A 367 -12.61 0.21 -8.52
N ALA A 368 -13.48 0.06 -7.52
CA ALA A 368 -13.90 -1.28 -7.12
C ALA A 368 -14.62 -1.99 -8.25
N GLN A 369 -15.49 -1.27 -8.96
CA GLN A 369 -16.18 -1.90 -10.10
C GLN A 369 -15.17 -2.29 -11.17
N TRP A 370 -14.23 -1.42 -11.47
CA TRP A 370 -13.20 -1.73 -12.44
C TRP A 370 -12.38 -2.96 -12.01
N LEU A 371 -12.12 -3.06 -10.72
N LEU A 371 -12.02 -3.10 -10.72
CA LEU A 371 -11.35 -4.15 -10.17
CA LEU A 371 -11.17 -4.27 -10.37
C LEU A 371 -12.03 -5.48 -10.45
C LEU A 371 -12.00 -5.56 -10.47
N LYS A 372 -13.30 -5.51 -10.16
CA LYS A 372 -14.17 -6.70 -10.38
C LYS A 372 -14.28 -7.01 -11.88
N ASP A 373 -14.46 -5.99 -12.70
CA ASP A 373 -14.57 -6.19 -14.15
C ASP A 373 -13.31 -6.79 -14.71
N ASN A 374 -12.15 -6.50 -14.10
CA ASN A 374 -10.85 -6.97 -14.58
C ASN A 374 -10.34 -8.23 -13.87
N ASN A 375 -11.21 -8.88 -13.09
CA ASN A 375 -10.87 -10.16 -12.45
C ASN A 375 -9.64 -10.09 -11.57
N LEU A 376 -9.52 -8.99 -10.80
CA LEU A 376 -8.34 -8.84 -9.94
C LEU A 376 -8.57 -9.48 -8.60
N GLY A 377 -7.50 -9.60 -7.83
CA GLY A 377 -7.60 -10.31 -6.56
C GLY A 377 -8.25 -9.54 -5.46
N GLY A 378 -8.21 -8.21 -5.51
CA GLY A 378 -8.73 -7.39 -4.42
C GLY A 378 -8.00 -6.08 -4.31
N ALA A 379 -8.11 -5.46 -3.14
CA ALA A 379 -7.62 -4.13 -2.87
C ALA A 379 -6.82 -4.10 -1.61
N VAL A 380 -5.87 -3.13 -1.51
CA VAL A 380 -5.18 -2.86 -0.26
C VAL A 380 -5.31 -1.39 0.03
N VAL A 381 -5.80 -1.05 1.20
CA VAL A 381 -5.97 0.34 1.62
C VAL A 381 -4.71 0.78 2.33
N TRP A 382 -4.05 1.78 1.73
CA TRP A 382 -2.81 2.32 2.22
C TRP A 382 -2.96 3.77 2.63
N PRO A 383 -2.82 4.12 3.92
CA PRO A 383 -3.00 3.27 5.11
C PRO A 383 -4.43 3.40 5.62
N LEU A 384 -4.95 2.34 6.25
CA LEU A 384 -6.28 2.41 6.85
C LEU A 384 -6.40 3.58 7.83
N ASP A 385 -5.32 3.87 8.56
CA ASP A 385 -5.34 4.87 9.59
C ASP A 385 -5.48 6.30 9.08
N MET A 386 -5.48 6.53 7.73
CA MET A 386 -5.76 7.83 7.16
C MET A 386 -7.18 7.95 6.61
N ASP A 387 -7.91 6.82 6.58
CA ASP A 387 -9.34 6.88 6.35
C ASP A 387 -9.94 7.57 7.60
N ASP A 388 -11.22 7.95 7.55
CA ASP A 388 -11.83 8.61 8.72
C ASP A 388 -12.22 7.54 9.74
N PHE A 389 -11.21 7.09 10.46
CA PHE A 389 -11.37 6.02 11.44
C PHE A 389 -12.41 6.33 12.50
N SER A 390 -12.53 7.59 12.93
CA SER A 390 -13.49 7.92 14.00
C SER A 390 -14.87 8.30 13.51
N GLY A 391 -14.99 8.65 12.25
CA GLY A 391 -16.21 9.20 11.67
C GLY A 391 -16.36 10.69 11.96
N SER A 392 -15.45 11.30 12.74
CA SER A 392 -15.62 12.70 13.19
C SER A 392 -15.27 13.73 12.15
N PHE A 393 -14.38 13.40 11.21
CA PHE A 393 -13.91 14.40 10.25
C PHE A 393 -14.80 14.53 9.04
N CYS A 394 -15.38 13.44 8.56
CA CYS A 394 -16.14 13.41 7.31
C CYS A 394 -17.62 13.20 7.51
N HIS A 395 -18.05 12.66 8.67
CA HIS A 395 -19.48 12.42 8.93
C HIS A 395 -20.09 11.46 7.91
N GLN A 396 -19.30 10.43 7.52
CA GLN A 396 -19.71 9.41 6.56
C GLN A 396 -19.62 8.03 7.28
N GLY A 397 -19.67 8.02 8.61
CA GLY A 397 -19.54 6.77 9.37
C GLY A 397 -18.07 6.43 9.57
N ARG A 398 -17.78 5.41 10.34
CA ARG A 398 -16.38 5.03 10.54
C ARG A 398 -15.82 4.39 9.27
N PHE A 399 -14.57 4.69 8.99
CA PHE A 399 -13.84 4.11 7.87
C PHE A 399 -14.65 4.19 6.57
N PRO A 400 -15.06 5.38 6.15
CA PRO A 400 -15.94 5.46 4.98
C PRO A 400 -15.32 4.94 3.71
N LEU A 401 -14.04 5.21 3.47
CA LEU A 401 -13.44 4.71 2.22
C LEU A 401 -13.39 3.20 2.25
N THR A 402 -12.94 2.63 3.36
CA THR A 402 -12.75 1.18 3.39
C THR A 402 -14.08 0.45 3.45
N THR A 403 -15.08 1.05 4.11
CA THR A 403 -16.40 0.45 4.18
C THR A 403 -16.99 0.34 2.77
N THR A 404 -16.70 1.35 1.94
CA THR A 404 -17.15 1.33 0.55
C THR A 404 -16.61 0.08 -0.14
N LEU A 405 -15.31 -0.21 0.05
CA LEU A 405 -14.71 -1.39 -0.57
C LEU A 405 -15.27 -2.67 0.04
N LYS A 406 -15.45 -2.73 1.34
N LYS A 406 -15.47 -2.69 1.36
CA LYS A 406 -16.00 -3.95 1.94
CA LYS A 406 -16.03 -3.88 2.02
C LYS A 406 -17.37 -4.27 1.31
C LYS A 406 -17.35 -4.26 1.37
N ARG A 407 -18.21 -3.27 1.19
CA ARG A 407 -19.52 -3.49 0.59
C ARG A 407 -19.40 -3.89 -0.88
N ASP A 408 -18.68 -3.11 -1.67
CA ASP A 408 -18.66 -3.33 -3.11
C ASP A 408 -17.82 -4.52 -3.53
N LEU A 409 -16.91 -5.00 -2.70
CA LEU A 409 -16.15 -6.22 -2.98
C LEU A 409 -16.77 -7.43 -2.25
N ASN A 410 -17.97 -7.27 -1.66
CA ASN A 410 -18.71 -8.37 -1.02
C ASN A 410 -17.92 -9.07 0.04
N VAL A 411 -17.12 -8.32 0.79
CA VAL A 411 -16.29 -8.89 1.82
C VAL A 411 -17.10 -9.38 2.96
N HIS A 412 -16.83 -10.61 3.36
CA HIS A 412 -17.52 -11.26 4.45
C HIS A 412 -16.67 -12.42 4.94
N SER A 413 -17.00 -12.92 6.11
CA SER A 413 -16.36 -14.14 6.61
C SER A 413 -17.41 -14.86 7.41
N ALA A 414 -17.17 -16.11 7.76
CA ALA A 414 -18.12 -16.83 8.58
C ALA A 414 -18.40 -16.15 9.97
N SER A 415 -17.37 -15.55 10.58
CA SER A 415 -17.35 -15.09 11.98
C SER A 415 -18.08 -13.86 12.40
N CYS A 416 -18.33 -13.01 11.44
CA CYS A 416 -18.82 -11.65 11.65
C CYS A 416 -20.36 -11.58 11.54
N LYS A 417 -21.00 -12.73 11.30
CA LYS A 417 -22.44 -12.85 11.14
C LYS A 417 -23.15 -12.94 12.48
C1 EDO B . 3.22 0.44 0.99
O1 EDO B . 3.12 1.52 0.04
C2 EDO B . 4.00 0.88 2.20
O2 EDO B . 5.37 1.11 1.85
H11 EDO B . 2.24 0.05 1.27
H12 EDO B . 3.74 -0.36 0.45
HO1 EDO B . 3.08 1.12 -0.87
H21 EDO B . 3.65 1.85 2.55
H22 EDO B . 3.90 0.18 3.03
HO2 EDO B . 5.67 1.93 2.30
C1 EDO C . 5.90 3.84 18.59
O1 EDO C . 4.90 4.28 17.73
C2 EDO C . 6.45 2.52 18.02
O2 EDO C . 5.44 1.52 18.02
H11 EDO C . 6.70 4.57 18.72
H12 EDO C . 5.42 3.68 19.55
HO1 EDO C . 4.27 4.84 18.27
H21 EDO C . 7.22 2.12 18.69
H22 EDO C . 6.91 2.65 17.05
HO2 EDO C . 5.78 0.76 17.49
C1 EDO D . 7.76 0.31 13.74
O1 EDO D . 7.27 0.87 12.48
C2 EDO D . 8.28 1.45 14.65
O2 EDO D . 8.85 0.97 15.87
H11 EDO D . 7.02 -0.30 14.25
H12 EDO D . 8.58 -0.34 13.46
HO1 EDO D . 8.05 1.20 11.97
H21 EDO D . 9.11 1.97 14.17
H22 EDO D . 7.50 2.19 14.83
HO2 EDO D . 9.10 1.77 16.41
C1 EDO E . 1.92 7.96 4.40
O1 EDO E . 3.21 8.44 3.95
C2 EDO E . 2.12 7.14 5.68
O2 EDO E . 2.69 7.98 6.69
H11 EDO E . 1.39 7.38 3.65
H12 EDO E . 1.35 8.86 4.59
HO1 EDO E . 3.05 8.92 3.09
H21 EDO E . 2.85 6.36 5.50
H22 EDO E . 1.19 6.66 6.00
HO2 EDO E . 3.68 8.02 6.51
C1 EDO F . -1.90 28.26 1.75
O1 EDO F . -1.11 29.27 1.14
C2 EDO F . -1.20 26.90 1.66
O2 EDO F . 0.01 26.92 2.38
H11 EDO F . -2.90 28.22 1.32
H12 EDO F . -2.01 28.58 2.78
HO1 EDO F . -1.62 30.11 1.18
H21 EDO F . -0.92 26.69 0.63
H22 EDO F . -1.87 26.11 1.97
HO2 EDO F . 0.70 27.31 1.78
C1 EDO G . 25.00 -5.56 11.16
O1 EDO G . 24.88 -4.87 9.92
C2 EDO G . 23.90 -5.04 12.12
O2 EDO G . 22.60 -5.30 11.61
H11 EDO G . 25.98 -5.49 11.60
H12 EDO G . 24.83 -6.61 10.90
HO1 EDO G . 25.73 -5.01 9.42
H21 EDO G . 23.94 -3.95 12.18
H22 EDO G . 24.04 -5.42 13.13
HO2 EDO G . 22.12 -4.44 11.60
#